data_7SAM
#
_entry.id   7SAM
#
_cell.length_a   1.00
_cell.length_b   1.00
_cell.length_c   1.00
_cell.angle_alpha   90.00
_cell.angle_beta   90.00
_cell.angle_gamma   90.00
#
_symmetry.space_group_name_H-M   'P 1'
#
_entity_poly.entity_id   1
_entity_poly.type   'polyribonucleotide'
_entity_poly.pdbx_seq_one_letter_code
;GGCGUGGUUGACACGCAGACCUCUUACAAGAGUGUCUAGGUGCCUUUGAGAGUUACUCUUUGCUCUCUUCGGAAGAACCC
UUAGGGGUUCGUGCAUGGGCUUGCAUAGCAAGUCUUAGAAUGCGGGUACCGUACAGUGUUGAAAAACACUGUAAAUCUCU
AAAAGAGACCA
;
_entity_poly.pdbx_strand_id   A
#
loop_
_chem_comp.id
_chem_comp.type
_chem_comp.name
_chem_comp.formula
A RNA linking ADENOSINE-5'-MONOPHOSPHATE 'C10 H14 N5 O7 P'
C RNA linking CYTIDINE-5'-MONOPHOSPHATE 'C9 H14 N3 O8 P'
G RNA linking GUANOSINE-5'-MONOPHOSPHATE 'C10 H14 N5 O8 P'
U RNA linking URIDINE-5'-MONOPHOSPHATE 'C9 H13 N2 O9 P'
#